data_2V54
#
_entry.id   2V54
#
_cell.length_a   56.770
_cell.length_b   55.590
_cell.length_c   161.170
_cell.angle_alpha   90.00
_cell.angle_beta   90.00
_cell.angle_gamma   90.00
#
_symmetry.space_group_name_H-M   'P 21 21 21'
#
loop_
_entity.id
_entity.type
_entity.pdbx_description
1 polymer 'THYMIDYLATE KINASE'
2 non-polymer "THYMIDINE-5'-DIPHOSPHATE"
3 non-polymer 'MAGNESIUM ION'
4 non-polymer 'PYROPHOSPHATE 2-'
5 water water
#
_entity_poly.entity_id   1
_entity_poly.type   'polypeptide(L)'
_entity_poly.pdbx_seq_one_letter_code
;MSRGALIVFEGLDKSGKTTQCMNIMESIPANTIKYLNFPQRSTVTGKMIDDYLTRKKTYNDHIVNLLFCANRWEFASFIQ
EQLEQGITLIVDRYAFSGVAYAAAKGASMTLSKSYESGLPKPDLVIFLESGSKEINRNVGEEIYEDVTFQQKVLQEYKKM
IEEGDIHWQIISSEFEEDVKKELIKNIVIEAIHTVTGPVGQLWM
;
_entity_poly.pdbx_strand_id   A,B
#
loop_
_chem_comp.id
_chem_comp.type
_chem_comp.name
_chem_comp.formula
MG non-polymer 'MAGNESIUM ION' 'Mg 2'
POP non-polymer 'PYROPHOSPHATE 2-' 'H2 O7 P2 -2'
TYD non-polymer THYMIDINE-5'-DIPHOSPHATE 'C10 H16 N2 O11 P2'
#
# COMPACT_ATOMS: atom_id res chain seq x y z
N MET A 1 -16.73 -14.95 -20.91
CA MET A 1 -17.89 -15.20 -21.81
C MET A 1 -19.19 -15.12 -21.03
N SER A 2 -19.21 -15.70 -19.84
CA SER A 2 -20.39 -15.65 -19.00
C SER A 2 -19.94 -15.35 -17.58
N ARG A 3 -18.81 -14.63 -17.49
CA ARG A 3 -18.26 -14.23 -16.21
C ARG A 3 -19.26 -13.37 -15.46
N GLY A 4 -18.95 -13.09 -14.20
CA GLY A 4 -19.82 -12.24 -13.43
C GLY A 4 -19.51 -10.81 -13.81
N ALA A 5 -20.34 -9.88 -13.37
CA ALA A 5 -20.13 -8.48 -13.67
C ALA A 5 -19.50 -7.81 -12.45
N LEU A 6 -18.72 -6.78 -12.72
CA LEU A 6 -18.06 -6.00 -11.67
C LEU A 6 -18.78 -4.66 -11.71
N ILE A 7 -19.65 -4.45 -10.73
CA ILE A 7 -20.44 -3.23 -10.61
C ILE A 7 -20.02 -2.44 -9.36
N VAL A 8 -19.60 -1.19 -9.57
CA VAL A 8 -19.15 -0.32 -8.49
C VAL A 8 -20.12 0.84 -8.20
N PHE A 9 -20.33 1.15 -6.92
CA PHE A 9 -21.19 2.26 -6.51
C PHE A 9 -20.28 3.32 -5.93
N GLU A 10 -20.46 4.54 -6.39
CA GLU A 10 -19.64 5.64 -5.91
C GLU A 10 -20.57 6.74 -5.42
N GLY A 11 -20.04 7.64 -4.61
CA GLY A 11 -20.85 8.73 -4.11
C GLY A 11 -20.23 9.34 -2.88
N LEU A 12 -20.72 10.52 -2.50
CA LEU A 12 -20.21 11.20 -1.32
C LEU A 12 -20.68 10.44 -0.08
N ASP A 13 -20.22 10.87 1.08
CA ASP A 13 -20.66 10.27 2.33
C ASP A 13 -22.14 10.64 2.46
N LYS A 14 -22.97 9.70 2.87
CA LYS A 14 -24.39 9.98 3.04
C LYS A 14 -25.13 10.10 1.71
N SER A 15 -24.60 9.47 0.67
CA SER A 15 -25.26 9.51 -0.64
C SER A 15 -26.27 8.36 -0.72
N GLY A 16 -26.24 7.51 0.29
CA GLY A 16 -27.15 6.38 0.33
C GLY A 16 -26.70 5.19 -0.48
N LYS A 17 -25.43 5.16 -0.88
CA LYS A 17 -24.93 4.06 -1.71
C LYS A 17 -24.92 2.72 -0.96
N THR A 18 -24.53 2.75 0.30
CA THR A 18 -24.51 1.53 1.07
C THR A 18 -25.92 0.92 1.08
N THR A 19 -26.93 1.79 1.21
CA THR A 19 -28.32 1.34 1.23
C THR A 19 -28.73 0.74 -0.11
N GLN A 20 -28.26 1.33 -1.21
CA GLN A 20 -28.58 0.84 -2.54
C GLN A 20 -27.91 -0.50 -2.84
N CYS A 21 -26.81 -0.80 -2.16
CA CYS A 21 -26.15 -2.07 -2.36
C CYS A 21 -26.93 -3.17 -1.67
N MET A 22 -27.46 -2.86 -0.49
CA MET A 22 -28.26 -3.83 0.25
C MET A 22 -29.43 -4.23 -0.64
N ASN A 23 -30.13 -3.23 -1.17
CA ASN A 23 -31.27 -3.48 -2.05
C ASN A 23 -30.90 -4.45 -3.15
N ILE A 24 -29.89 -4.10 -3.94
CA ILE A 24 -29.48 -4.97 -5.04
C ILE A 24 -29.15 -6.37 -4.55
N MET A 25 -28.44 -6.48 -3.43
CA MET A 25 -28.08 -7.79 -2.91
C MET A 25 -29.31 -8.62 -2.58
N GLU A 26 -30.33 -7.95 -2.06
CA GLU A 26 -31.57 -8.61 -1.69
C GLU A 26 -32.45 -8.99 -2.87
N SER A 27 -32.39 -8.21 -3.95
CA SER A 27 -33.20 -8.49 -5.14
C SER A 27 -32.46 -9.22 -6.26
N ILE A 28 -31.55 -10.13 -5.89
CA ILE A 28 -30.78 -10.87 -6.88
C ILE A 28 -30.40 -12.25 -6.31
N PRO A 29 -30.37 -13.28 -7.18
CA PRO A 29 -30.01 -14.66 -6.80
C PRO A 29 -28.84 -14.79 -5.84
N ALA A 30 -29.16 -15.14 -4.61
CA ALA A 30 -28.18 -15.31 -3.53
C ALA A 30 -26.80 -15.89 -3.88
N ASN A 31 -26.75 -17.14 -4.35
CA ASN A 31 -25.48 -17.82 -4.64
C ASN A 31 -24.72 -17.43 -5.91
N THR A 32 -25.01 -16.26 -6.47
CA THR A 32 -24.35 -15.83 -7.69
C THR A 32 -23.85 -14.38 -7.64
N ILE A 33 -24.05 -13.72 -6.51
CA ILE A 33 -23.65 -12.33 -6.34
C ILE A 33 -23.10 -12.08 -4.93
N LYS A 34 -21.98 -11.36 -4.83
CA LYS A 34 -21.34 -11.03 -3.55
C LYS A 34 -21.21 -9.53 -3.35
N TYR A 35 -21.07 -9.12 -2.09
CA TYR A 35 -20.90 -7.72 -1.74
C TYR A 35 -19.43 -7.56 -1.35
N LEU A 36 -18.86 -6.41 -1.68
CA LEU A 36 -17.46 -6.14 -1.37
C LEU A 36 -17.38 -4.67 -1.08
N ASN A 37 -16.78 -4.32 0.06
CA ASN A 37 -16.68 -2.93 0.42
C ASN A 37 -15.24 -2.47 0.64
N PHE A 38 -14.96 -1.24 0.24
CA PHE A 38 -13.64 -0.67 0.46
C PHE A 38 -13.84 0.61 1.24
N PRO A 39 -12.99 0.87 2.24
CA PRO A 39 -11.86 0.05 2.64
C PRO A 39 -12.37 -1.28 3.22
N GLN A 40 -11.67 -2.37 2.90
CA GLN A 40 -12.07 -3.69 3.38
C GLN A 40 -11.38 -3.95 4.73
N ARG A 41 -12.14 -3.72 5.80
CA ARG A 41 -11.67 -3.78 7.17
C ARG A 41 -11.24 -5.10 7.80
N SER A 42 -11.13 -6.15 7.00
CA SER A 42 -10.73 -7.45 7.54
C SER A 42 -9.23 -7.73 7.40
N THR A 43 -8.47 -6.74 6.95
CA THR A 43 -7.03 -6.90 6.80
C THR A 43 -6.32 -5.87 7.68
N VAL A 44 -5.00 -5.97 7.76
CA VAL A 44 -4.23 -5.07 8.59
C VAL A 44 -4.31 -3.63 8.06
N THR A 45 -4.12 -3.42 6.77
CA THR A 45 -4.24 -2.05 6.25
C THR A 45 -5.68 -1.59 6.46
N GLY A 46 -6.61 -2.53 6.31
CA GLY A 46 -8.02 -2.22 6.49
C GLY A 46 -8.33 -1.69 7.87
N LYS A 47 -7.71 -2.29 8.89
CA LYS A 47 -7.90 -1.88 10.27
C LYS A 47 -7.17 -0.58 10.57
N MET A 48 -6.06 -0.34 9.90
CA MET A 48 -5.33 0.92 10.09
C MET A 48 -6.21 2.03 9.50
N ILE A 49 -6.84 1.76 8.37
CA ILE A 49 -7.70 2.76 7.75
C ILE A 49 -8.92 2.97 8.64
N ASP A 50 -9.42 1.90 9.25
CA ASP A 50 -10.57 2.06 10.13
C ASP A 50 -10.16 2.92 11.34
N ASP A 51 -8.91 2.78 11.80
CA ASP A 51 -8.44 3.56 12.96
C ASP A 51 -8.29 5.03 12.60
N TYR A 52 -7.94 5.31 11.35
CA TYR A 52 -7.77 6.67 10.91
C TYR A 52 -9.13 7.38 10.70
N LEU A 53 -10.09 6.65 10.14
CA LEU A 53 -11.43 7.19 9.87
C LEU A 53 -12.22 7.40 11.16
N THR A 54 -11.99 6.56 12.16
CA THR A 54 -12.70 6.69 13.44
C THR A 54 -11.91 7.52 14.46
N ARG A 55 -11.04 8.39 13.95
CA ARG A 55 -10.26 9.31 14.79
C ARG A 55 -9.21 8.69 15.71
N LYS A 56 -9.34 7.41 16.02
CA LYS A 56 -8.41 6.77 16.96
C LYS A 56 -6.96 6.54 16.54
N LYS A 57 -6.47 7.35 15.61
CA LYS A 57 -5.08 7.25 15.12
C LYS A 57 -4.88 8.13 13.89
N THR A 58 -3.71 8.74 13.79
CA THR A 58 -3.38 9.63 12.67
C THR A 58 -2.22 9.14 11.80
N TYR A 59 -2.23 9.59 10.54
CA TYR A 59 -1.18 9.30 9.56
C TYR A 59 -1.13 10.46 8.58
N ASN A 60 0.00 10.65 7.91
CA ASN A 60 0.09 11.73 6.92
C ASN A 60 -0.85 11.43 5.76
N ASP A 61 -1.28 12.48 5.06
CA ASP A 61 -2.18 12.32 3.93
C ASP A 61 -1.67 11.28 2.95
N HIS A 62 -0.37 11.35 2.65
CA HIS A 62 0.23 10.42 1.72
C HIS A 62 0.07 8.97 2.18
N ILE A 63 0.34 8.71 3.45
CA ILE A 63 0.23 7.35 3.94
C ILE A 63 -1.20 6.82 3.89
N VAL A 64 -2.20 7.63 4.26
CA VAL A 64 -3.58 7.11 4.18
C VAL A 64 -3.91 6.84 2.72
N ASN A 65 -3.50 7.74 1.83
CA ASN A 65 -3.75 7.55 0.41
C ASN A 65 -3.24 6.18 -0.07
N LEU A 66 -2.01 5.83 0.28
CA LEU A 66 -1.47 4.54 -0.17
C LEU A 66 -2.06 3.37 0.59
N LEU A 67 -2.47 3.59 1.83
CA LEU A 67 -3.09 2.51 2.60
C LEU A 67 -4.37 2.10 1.89
N PHE A 68 -5.19 3.09 1.52
CA PHE A 68 -6.44 2.84 0.81
C PHE A 68 -6.18 2.08 -0.51
N CYS A 69 -5.18 2.53 -1.24
CA CYS A 69 -4.85 1.91 -2.51
C CYS A 69 -4.31 0.48 -2.35
N ALA A 70 -3.46 0.25 -1.37
CA ALA A 70 -2.92 -1.07 -1.13
C ALA A 70 -4.07 -1.98 -0.69
N ASN A 71 -4.95 -1.41 0.13
CA ASN A 71 -6.12 -2.12 0.59
C ASN A 71 -6.86 -2.75 -0.60
N ARG A 72 -7.09 -1.97 -1.64
CA ARG A 72 -7.75 -2.49 -2.84
C ARG A 72 -6.89 -3.57 -3.50
N TRP A 73 -5.61 -3.29 -3.73
CA TRP A 73 -4.75 -4.27 -4.36
C TRP A 73 -4.73 -5.64 -3.65
N GLU A 74 -4.93 -5.67 -2.33
CA GLU A 74 -4.98 -6.95 -1.60
C GLU A 74 -6.11 -7.82 -2.14
N PHE A 75 -7.12 -7.18 -2.73
CA PHE A 75 -8.25 -7.94 -3.25
C PHE A 75 -8.31 -8.02 -4.77
N ALA A 76 -7.28 -7.53 -5.45
CA ALA A 76 -7.28 -7.56 -6.90
C ALA A 76 -7.45 -8.99 -7.42
N SER A 77 -6.89 -9.97 -6.73
CA SER A 77 -7.00 -11.37 -7.14
C SER A 77 -8.37 -11.95 -6.77
N PHE A 78 -8.82 -11.67 -5.56
CA PHE A 78 -10.11 -12.10 -5.10
C PHE A 78 -11.13 -11.64 -6.15
N ILE A 79 -11.15 -10.34 -6.44
CA ILE A 79 -12.09 -9.78 -7.44
C ILE A 79 -12.06 -10.51 -8.78
N GLN A 80 -10.86 -10.58 -9.39
CA GLN A 80 -10.67 -11.24 -10.67
C GLN A 80 -11.15 -12.69 -10.64
N GLU A 81 -10.80 -13.40 -9.57
CA GLU A 81 -11.19 -14.80 -9.40
C GLU A 81 -12.72 -15.00 -9.34
N GLN A 82 -13.39 -14.22 -8.51
CA GLN A 82 -14.84 -14.34 -8.37
C GLN A 82 -15.51 -14.13 -9.73
N LEU A 83 -15.08 -13.07 -10.42
CA LEU A 83 -15.65 -12.75 -11.71
C LEU A 83 -15.51 -13.92 -12.68
N GLU A 84 -14.34 -14.55 -12.69
CA GLU A 84 -14.12 -15.65 -13.60
C GLU A 84 -14.97 -16.86 -13.22
N GLN A 85 -15.48 -16.86 -12.00
CA GLN A 85 -16.29 -17.98 -11.54
C GLN A 85 -17.77 -17.73 -11.74
N GLY A 86 -18.13 -16.61 -12.37
CA GLY A 86 -19.52 -16.32 -12.61
C GLY A 86 -20.13 -15.46 -11.52
N ILE A 87 -19.37 -15.16 -10.47
CA ILE A 87 -19.89 -14.34 -9.41
C ILE A 87 -19.80 -12.87 -9.74
N THR A 88 -20.90 -12.16 -9.54
CA THR A 88 -20.95 -10.73 -9.81
C THR A 88 -20.59 -9.98 -8.53
N LEU A 89 -19.75 -8.97 -8.65
CA LEU A 89 -19.40 -8.22 -7.47
C LEU A 89 -20.05 -6.84 -7.46
N ILE A 90 -20.72 -6.53 -6.36
CA ILE A 90 -21.37 -5.24 -6.14
C ILE A 90 -20.37 -4.59 -5.20
N VAL A 91 -19.59 -3.63 -5.71
CA VAL A 91 -18.55 -3.01 -4.91
C VAL A 91 -18.84 -1.60 -4.40
N ASP A 92 -18.80 -1.47 -3.08
CA ASP A 92 -19.06 -0.19 -2.39
C ASP A 92 -17.74 0.58 -2.37
N ARG A 93 -17.59 1.53 -3.30
CA ARG A 93 -16.38 2.34 -3.45
C ARG A 93 -15.25 1.54 -4.08
N TYR A 94 -14.46 2.19 -4.92
CA TYR A 94 -13.36 1.51 -5.59
C TYR A 94 -12.28 2.55 -5.84
N ALA A 95 -11.52 2.36 -6.92
CA ALA A 95 -10.43 3.27 -7.25
C ALA A 95 -10.87 4.71 -7.44
N PHE A 96 -12.13 4.91 -7.82
CA PHE A 96 -12.65 6.25 -8.03
C PHE A 96 -12.72 7.02 -6.71
N SER A 97 -13.20 6.37 -5.65
CA SER A 97 -13.24 6.99 -4.32
C SER A 97 -11.79 7.38 -3.98
N GLY A 98 -10.90 6.41 -4.15
CA GLY A 98 -9.50 6.65 -3.87
C GLY A 98 -8.95 7.88 -4.56
N VAL A 99 -9.22 8.05 -5.85
CA VAL A 99 -8.70 9.20 -6.60
C VAL A 99 -9.39 10.50 -6.21
N ALA A 100 -10.70 10.44 -6.07
CA ALA A 100 -11.47 11.61 -5.70
C ALA A 100 -11.04 12.17 -4.36
N TYR A 101 -11.01 11.32 -3.34
CA TYR A 101 -10.66 11.78 -2.01
C TYR A 101 -9.21 12.17 -1.83
N ALA A 102 -8.30 11.49 -2.51
CA ALA A 102 -6.90 11.82 -2.42
C ALA A 102 -6.67 13.21 -3.04
N ALA A 103 -7.24 13.42 -4.22
CA ALA A 103 -7.11 14.68 -4.95
C ALA A 103 -7.79 15.81 -4.20
N ALA A 104 -8.91 15.51 -3.53
CA ALA A 104 -9.64 16.51 -2.77
C ALA A 104 -8.75 17.02 -1.63
N LYS A 105 -7.91 16.14 -1.10
CA LYS A 105 -7.03 16.50 -0.01
C LYS A 105 -5.78 17.21 -0.52
N GLY A 106 -5.65 17.32 -1.85
CA GLY A 106 -4.50 17.99 -2.42
C GLY A 106 -3.64 17.20 -3.40
N ALA A 107 -3.83 15.88 -3.48
CA ALA A 107 -3.00 15.08 -4.40
C ALA A 107 -3.35 15.33 -5.87
N SER A 108 -2.46 14.88 -6.75
CA SER A 108 -2.66 15.03 -8.19
C SER A 108 -3.62 13.96 -8.68
N MET A 109 -4.63 14.39 -9.42
CA MET A 109 -5.61 13.48 -9.98
C MET A 109 -4.92 12.41 -10.83
N THR A 110 -4.00 12.84 -11.70
CA THR A 110 -3.31 11.90 -12.58
C THR A 110 -2.31 10.97 -11.88
N LEU A 111 -1.55 11.48 -10.93
CA LEU A 111 -0.63 10.59 -10.22
C LEU A 111 -1.46 9.55 -9.45
N SER A 112 -2.57 9.97 -8.86
CA SER A 112 -3.41 9.04 -8.10
C SER A 112 -3.90 7.89 -8.96
N LYS A 113 -4.35 8.20 -10.17
CA LYS A 113 -4.85 7.17 -11.07
C LYS A 113 -3.81 6.10 -11.37
N SER A 114 -2.55 6.48 -11.50
CA SER A 114 -1.54 5.48 -11.82
C SER A 114 -1.33 4.46 -10.71
N TYR A 115 -1.75 4.79 -9.49
CA TYR A 115 -1.62 3.86 -8.38
C TYR A 115 -2.74 2.81 -8.39
N GLU A 116 -3.81 3.10 -9.13
CA GLU A 116 -4.95 2.20 -9.25
C GLU A 116 -4.85 1.44 -10.57
N SER A 117 -3.88 1.85 -11.39
CA SER A 117 -3.68 1.28 -12.71
C SER A 117 -3.40 -0.22 -12.70
N GLY A 118 -4.24 -1.00 -13.36
CA GLY A 118 -4.05 -2.44 -13.35
C GLY A 118 -5.12 -3.20 -12.58
N LEU A 119 -5.87 -2.51 -11.73
CA LEU A 119 -6.95 -3.16 -10.97
C LEU A 119 -8.04 -3.63 -11.95
N PRO A 120 -8.81 -4.68 -11.61
CA PRO A 120 -9.86 -5.15 -12.51
C PRO A 120 -10.78 -3.98 -12.86
N LYS A 121 -11.07 -3.81 -14.14
CA LYS A 121 -11.89 -2.70 -14.61
C LYS A 121 -13.37 -2.98 -14.48
N PRO A 122 -14.10 -2.07 -13.81
CA PRO A 122 -15.55 -2.23 -13.62
C PRO A 122 -16.25 -2.22 -14.97
N ASP A 123 -17.46 -2.79 -15.02
CA ASP A 123 -18.26 -2.81 -16.24
C ASP A 123 -19.24 -1.66 -16.13
N LEU A 124 -19.56 -1.32 -14.89
CA LEU A 124 -20.51 -0.25 -14.63
C LEU A 124 -20.12 0.44 -13.35
N VAL A 125 -20.21 1.77 -13.33
CA VAL A 125 -19.91 2.55 -12.15
C VAL A 125 -21.06 3.51 -11.93
N ILE A 126 -21.92 3.13 -11.00
CA ILE A 126 -23.12 3.86 -10.63
C ILE A 126 -22.81 4.95 -9.61
N PHE A 127 -22.99 6.22 -10.00
CA PHE A 127 -22.75 7.34 -9.09
C PHE A 127 -24.07 7.89 -8.54
N LEU A 128 -24.21 7.88 -7.21
CA LEU A 128 -25.41 8.36 -6.54
C LEU A 128 -25.29 9.81 -6.13
N GLU A 129 -25.92 10.70 -6.90
CA GLU A 129 -25.87 12.12 -6.59
C GLU A 129 -26.54 12.36 -5.25
N SER A 130 -26.11 13.41 -4.56
CA SER A 130 -26.71 13.75 -3.28
C SER A 130 -27.17 15.20 -3.29
N GLY A 131 -28.47 15.40 -3.03
CA GLY A 131 -29.04 16.74 -2.99
C GLY A 131 -28.57 17.49 -1.76
N SER A 132 -28.98 18.75 -1.61
CA SER A 132 -28.55 19.58 -0.48
C SER A 132 -29.05 19.14 0.90
N LYS A 133 -29.97 18.18 0.94
CA LYS A 133 -30.44 17.66 2.23
C LYS A 133 -29.50 16.54 2.64
N GLU A 134 -28.85 15.95 1.64
CA GLU A 134 -27.89 14.85 1.80
C GLU A 134 -26.45 15.38 1.94
N ILE A 135 -26.15 16.50 1.27
CA ILE A 135 -24.83 17.14 1.34
C ILE A 135 -24.61 17.71 2.75
N ASN A 136 -25.68 18.25 3.33
CA ASN A 136 -25.64 18.81 4.68
C ASN A 136 -25.98 17.75 5.71
N ARG A 137 -25.84 16.49 5.30
CA ARG A 137 -26.11 15.34 6.17
C ARG A 137 -24.82 14.98 6.91
N ASN A 138 -23.71 15.52 6.42
CA ASN A 138 -22.39 15.29 6.99
C ASN A 138 -22.17 16.12 8.26
N VAL A 139 -22.61 15.58 9.40
CA VAL A 139 -22.47 16.25 10.69
C VAL A 139 -21.00 16.32 11.11
N GLY A 140 -20.22 15.33 10.70
CA GLY A 140 -18.80 15.32 11.02
C GLY A 140 -18.31 14.23 11.96
N GLU A 141 -19.04 13.13 12.05
CA GLU A 141 -18.64 12.04 12.95
C GLU A 141 -17.34 11.35 12.49
N GLU A 142 -17.19 11.12 11.19
CA GLU A 142 -15.96 10.52 10.64
C GLU A 142 -15.05 11.65 10.17
N ILE A 143 -13.76 11.34 10.04
CA ILE A 143 -12.77 12.35 9.65
C ILE A 143 -12.94 13.08 8.31
N TYR A 144 -13.74 12.54 7.39
CA TYR A 144 -13.92 13.18 6.09
C TYR A 144 -15.27 13.86 5.87
N GLU A 145 -16.05 14.05 6.92
CA GLU A 145 -17.38 14.65 6.77
C GLU A 145 -17.51 16.15 7.07
N ASP A 146 -16.91 16.96 6.21
CA ASP A 146 -16.97 18.42 6.29
C ASP A 146 -17.90 18.83 5.15
N VAL A 147 -18.12 20.12 4.93
CA VAL A 147 -19.01 20.54 3.84
C VAL A 147 -18.30 21.01 2.58
N THR A 148 -17.29 21.85 2.72
CA THR A 148 -16.57 22.32 1.53
C THR A 148 -15.62 21.24 1.04
N PHE A 149 -15.27 20.31 1.93
CA PHE A 149 -14.39 19.22 1.56
C PHE A 149 -15.18 18.24 0.70
N GLN A 150 -16.44 18.04 1.05
CA GLN A 150 -17.31 17.15 0.29
C GLN A 150 -17.58 17.75 -1.08
N GLN A 151 -17.52 19.07 -1.17
CA GLN A 151 -17.76 19.74 -2.44
C GLN A 151 -16.51 19.63 -3.31
N LYS A 152 -15.34 19.61 -2.68
CA LYS A 152 -14.08 19.47 -3.39
C LYS A 152 -13.96 18.02 -3.89
N VAL A 153 -14.56 17.09 -3.15
CA VAL A 153 -14.55 15.68 -3.54
C VAL A 153 -15.50 15.51 -4.70
N LEU A 154 -16.58 16.29 -4.68
CA LEU A 154 -17.57 16.22 -5.73
C LEU A 154 -16.95 16.68 -7.04
N GLN A 155 -16.10 17.71 -6.97
CA GLN A 155 -15.42 18.24 -8.16
C GLN A 155 -14.52 17.19 -8.82
N GLU A 156 -13.81 16.42 -8.00
CA GLU A 156 -12.90 15.40 -8.52
C GLU A 156 -13.72 14.30 -9.18
N TYR A 157 -14.81 13.92 -8.55
CA TYR A 157 -15.66 12.89 -9.13
C TYR A 157 -16.09 13.35 -10.52
N LYS A 158 -16.43 14.63 -10.65
CA LYS A 158 -16.85 15.18 -11.93
C LYS A 158 -15.75 15.07 -12.97
N LYS A 159 -14.53 15.44 -12.61
CA LYS A 159 -13.45 15.35 -13.58
C LYS A 159 -13.39 13.94 -14.17
N MET A 160 -13.47 12.92 -13.32
CA MET A 160 -13.42 11.54 -13.81
C MET A 160 -14.59 11.14 -14.70
N ILE A 161 -15.81 11.51 -14.31
CA ILE A 161 -16.98 11.20 -15.09
C ILE A 161 -16.89 11.85 -16.47
N GLU A 162 -16.20 13.00 -16.54
CA GLU A 162 -16.03 13.72 -17.81
C GLU A 162 -14.84 13.26 -18.66
N GLU A 163 -14.17 12.17 -18.28
CA GLU A 163 -13.05 11.65 -19.05
C GLU A 163 -13.64 10.72 -20.10
N GLY A 164 -14.54 9.84 -19.66
CA GLY A 164 -15.22 8.97 -20.59
C GLY A 164 -14.68 7.60 -20.90
N ASP A 165 -13.55 7.22 -20.31
CA ASP A 165 -13.02 5.90 -20.59
C ASP A 165 -13.70 4.83 -19.75
N ILE A 166 -14.40 5.26 -18.71
CA ILE A 166 -15.13 4.35 -17.82
C ILE A 166 -16.62 4.56 -18.01
N HIS A 167 -17.36 3.46 -18.11
CA HIS A 167 -18.79 3.52 -18.29
C HIS A 167 -19.51 3.91 -17.01
N TRP A 168 -19.72 5.21 -16.82
CA TRP A 168 -20.42 5.72 -15.65
C TRP A 168 -21.93 5.85 -15.93
N GLN A 169 -22.71 5.86 -14.86
CA GLN A 169 -24.16 6.02 -14.91
C GLN A 169 -24.51 6.85 -13.68
N ILE A 170 -24.97 8.07 -13.88
CA ILE A 170 -25.33 8.92 -12.75
C ILE A 170 -26.83 8.82 -12.49
N ILE A 171 -27.21 8.59 -11.23
CA ILE A 171 -28.62 8.49 -10.89
C ILE A 171 -28.97 9.73 -10.09
N SER A 172 -29.73 10.62 -10.74
CA SER A 172 -30.16 11.89 -10.16
C SER A 172 -30.66 11.75 -8.74
N SER A 173 -30.35 12.74 -7.91
CA SER A 173 -30.77 12.72 -6.52
C SER A 173 -32.28 12.97 -6.40
N GLU A 174 -32.87 13.52 -7.47
CA GLU A 174 -34.29 13.87 -7.48
C GLU A 174 -35.32 12.75 -7.67
N PHE A 175 -34.86 11.51 -7.80
CA PHE A 175 -35.81 10.41 -7.92
C PHE A 175 -36.35 10.04 -6.55
N GLU A 176 -37.52 9.43 -6.53
CA GLU A 176 -38.12 8.99 -5.29
C GLU A 176 -37.43 7.69 -4.93
N GLU A 177 -37.15 7.49 -3.65
CA GLU A 177 -36.48 6.28 -3.20
C GLU A 177 -36.96 5.00 -3.87
N ASP A 178 -38.27 4.88 -4.08
CA ASP A 178 -38.79 3.68 -4.71
C ASP A 178 -38.40 3.59 -6.19
N VAL A 179 -38.31 4.75 -6.85
CA VAL A 179 -37.92 4.80 -8.26
C VAL A 179 -36.43 4.52 -8.39
N LYS A 180 -35.61 5.19 -7.58
CA LYS A 180 -34.17 4.96 -7.58
C LYS A 180 -33.93 3.45 -7.53
N LYS A 181 -34.53 2.82 -6.52
CA LYS A 181 -34.43 1.39 -6.29
C LYS A 181 -34.71 0.53 -7.53
N GLU A 182 -35.76 0.86 -8.28
CA GLU A 182 -36.11 0.09 -9.48
C GLU A 182 -35.21 0.39 -10.68
N LEU A 183 -34.72 1.63 -10.74
CA LEU A 183 -33.83 2.09 -11.80
C LEU A 183 -32.55 1.27 -11.74
N ILE A 184 -31.90 1.31 -10.58
CA ILE A 184 -30.67 0.58 -10.33
C ILE A 184 -30.88 -0.92 -10.48
N LYS A 185 -31.96 -1.43 -9.91
CA LYS A 185 -32.26 -2.85 -10.00
C LYS A 185 -32.23 -3.35 -11.47
N ASN A 186 -32.79 -2.56 -12.38
CA ASN A 186 -32.84 -2.97 -13.78
C ASN A 186 -31.53 -2.84 -14.55
N ILE A 187 -30.79 -1.75 -14.32
CA ILE A 187 -29.51 -1.61 -15.03
C ILE A 187 -28.51 -2.65 -14.56
N VAL A 188 -28.57 -3.01 -13.28
CA VAL A 188 -27.66 -4.01 -12.72
C VAL A 188 -27.93 -5.40 -13.26
N ILE A 189 -29.19 -5.85 -13.21
CA ILE A 189 -29.46 -7.19 -13.71
C ILE A 189 -29.16 -7.24 -15.21
N GLU A 190 -29.31 -6.11 -15.90
CA GLU A 190 -29.01 -6.02 -17.32
C GLU A 190 -27.52 -6.29 -17.56
N ALA A 191 -26.69 -5.70 -16.71
CA ALA A 191 -25.25 -5.87 -16.82
C ALA A 191 -24.83 -7.31 -16.53
N ILE A 192 -25.52 -7.95 -15.60
CA ILE A 192 -25.20 -9.33 -15.27
C ILE A 192 -25.55 -10.29 -16.41
N HIS A 193 -26.68 -10.05 -17.06
CA HIS A 193 -27.14 -10.93 -18.16
C HIS A 193 -26.37 -10.81 -19.46
N THR A 194 -25.76 -9.66 -19.70
CA THR A 194 -25.05 -9.45 -20.96
C THR A 194 -23.53 -9.34 -20.92
N VAL A 195 -22.96 -9.25 -19.72
CA VAL A 195 -21.51 -9.13 -19.58
C VAL A 195 -20.78 -10.33 -20.15
N THR A 196 -19.84 -10.08 -21.04
CA THR A 196 -19.06 -11.14 -21.68
C THR A 196 -17.59 -10.77 -21.84
N GLY A 197 -16.80 -11.70 -22.34
CA GLY A 197 -15.39 -11.46 -22.55
C GLY A 197 -14.54 -11.56 -21.30
N PRO A 198 -13.25 -11.25 -21.41
CA PRO A 198 -12.35 -11.30 -20.24
C PRO A 198 -12.51 -10.07 -19.36
N VAL A 199 -11.93 -10.10 -18.17
CA VAL A 199 -11.97 -8.97 -17.24
C VAL A 199 -10.86 -8.01 -17.65
N GLY A 200 -11.23 -6.77 -17.94
CA GLY A 200 -10.24 -5.79 -18.36
C GLY A 200 -9.46 -5.17 -17.21
N GLN A 201 -8.51 -4.31 -17.55
CA GLN A 201 -7.70 -3.63 -16.55
C GLN A 201 -8.06 -2.15 -16.48
N LEU A 202 -8.02 -1.60 -15.29
CA LEU A 202 -8.35 -0.20 -15.11
C LEU A 202 -7.18 0.72 -15.44
N TRP A 203 -7.50 1.79 -16.16
CA TRP A 203 -6.55 2.81 -16.58
C TRP A 203 -5.20 2.30 -17.09
N MET A 204 -5.27 1.44 -18.10
CA MET A 204 -4.09 0.89 -18.75
C MET A 204 -4.32 0.77 -20.26
N SER B 2 15.93 1.75 28.93
CA SER B 2 16.47 0.99 27.76
C SER B 2 15.41 0.15 27.04
N ARG B 3 14.89 0.72 25.95
CA ARG B 3 13.91 0.04 25.11
C ARG B 3 14.72 -0.82 24.16
N GLY B 4 14.06 -1.42 23.17
CA GLY B 4 14.80 -2.21 22.21
C GLY B 4 15.46 -1.28 21.20
N ALA B 5 16.54 -1.75 20.57
CA ALA B 5 17.22 -0.96 19.56
C ALA B 5 16.68 -1.39 18.21
N LEU B 6 16.33 -0.44 17.36
CA LEU B 6 15.84 -0.78 16.03
C LEU B 6 17.07 -0.76 15.11
N ILE B 7 17.56 -1.93 14.75
CA ILE B 7 18.75 -2.02 13.90
C ILE B 7 18.41 -2.53 12.52
N VAL B 8 18.64 -1.69 11.51
CA VAL B 8 18.33 -2.03 10.13
C VAL B 8 19.57 -2.35 9.28
N PHE B 9 19.46 -3.37 8.43
CA PHE B 9 20.55 -3.75 7.52
C PHE B 9 20.13 -3.34 6.11
N GLU B 10 21.06 -2.74 5.37
CA GLU B 10 20.79 -2.31 4.01
C GLU B 10 21.93 -2.77 3.13
N GLY B 11 21.77 -2.57 1.83
CA GLY B 11 22.82 -2.99 0.90
C GLY B 11 22.25 -3.40 -0.44
N LEU B 12 23.11 -3.46 -1.44
CA LEU B 12 22.68 -3.86 -2.76
C LEU B 12 22.27 -5.31 -2.70
N ASP B 13 21.81 -5.84 -3.83
CA ASP B 13 21.44 -7.25 -3.90
C ASP B 13 22.74 -8.06 -3.84
N LYS B 14 22.72 -9.21 -3.18
CA LYS B 14 23.89 -10.09 -3.08
C LYS B 14 25.00 -9.48 -2.22
N SER B 15 24.62 -8.64 -1.25
CA SER B 15 25.62 -8.00 -0.43
C SER B 15 25.95 -8.76 0.84
N GLY B 16 25.15 -9.78 1.13
CA GLY B 16 25.39 -10.59 2.31
C GLY B 16 24.58 -10.16 3.51
N LYS B 17 23.49 -9.42 3.28
CA LYS B 17 22.64 -8.93 4.37
C LYS B 17 22.03 -10.03 5.20
N THR B 18 21.28 -10.91 4.54
CA THR B 18 20.63 -12.02 5.23
C THR B 18 21.65 -12.81 6.04
N THR B 19 22.79 -13.12 5.41
CA THR B 19 23.84 -13.87 6.08
C THR B 19 24.31 -13.21 7.37
N GLN B 20 24.57 -11.90 7.32
CA GLN B 20 25.01 -11.19 8.52
C GLN B 20 23.91 -11.13 9.55
N CYS B 21 22.66 -10.93 9.09
CA CYS B 21 21.51 -10.86 9.98
C CYS B 21 21.31 -12.16 10.78
N MET B 22 21.59 -13.30 10.15
CA MET B 22 21.47 -14.58 10.83
C MET B 22 22.65 -14.77 11.78
N ASN B 23 23.83 -14.29 11.38
CA ASN B 23 24.99 -14.40 12.24
C ASN B 23 24.69 -13.71 13.55
N ILE B 24 23.98 -12.60 13.51
CA ILE B 24 23.62 -11.87 14.73
C ILE B 24 22.58 -12.66 15.54
N MET B 25 21.65 -13.32 14.85
CA MET B 25 20.60 -14.07 15.53
C MET B 25 21.11 -15.28 16.30
N GLU B 26 22.31 -15.73 15.95
CA GLU B 26 22.94 -16.88 16.62
C GLU B 26 23.81 -16.45 17.81
N SER B 27 24.47 -15.30 17.69
CA SER B 27 25.38 -14.83 18.73
C SER B 27 24.75 -13.92 19.80
N ILE B 28 23.43 -13.83 19.82
CA ILE B 28 22.77 -13.01 20.83
C ILE B 28 21.52 -13.70 21.37
N PRO B 29 21.34 -13.69 22.70
CA PRO B 29 20.20 -14.31 23.39
C PRO B 29 18.86 -14.21 22.70
N ALA B 30 18.51 -15.30 22.02
CA ALA B 30 17.28 -15.43 21.26
C ALA B 30 16.03 -14.79 21.87
N ASN B 31 16.04 -14.56 23.18
CA ASN B 31 14.86 -13.99 23.80
C ASN B 31 14.62 -12.52 23.54
N THR B 32 15.61 -11.69 23.81
CA THR B 32 15.45 -10.26 23.60
C THR B 32 15.71 -9.75 22.18
N ILE B 33 15.75 -10.67 21.21
CA ILE B 33 16.01 -10.29 19.84
C ILE B 33 15.18 -11.06 18.81
N LYS B 34 14.62 -10.33 17.84
CA LYS B 34 13.82 -10.94 16.79
C LYS B 34 14.22 -10.44 15.40
N TYR B 35 14.07 -11.30 14.40
CA TYR B 35 14.41 -10.96 13.02
C TYR B 35 13.15 -10.56 12.21
N LEU B 36 13.26 -9.49 11.44
CA LEU B 36 12.17 -8.99 10.61
C LEU B 36 12.73 -8.74 9.21
N ASN B 37 12.17 -9.43 8.23
CA ASN B 37 12.62 -9.33 6.85
C ASN B 37 11.65 -8.56 5.94
N PHE B 38 12.16 -7.54 5.23
CA PHE B 38 11.34 -6.80 4.28
C PHE B 38 11.88 -7.02 2.85
N PRO B 39 10.99 -7.32 1.89
CA PRO B 39 9.53 -7.49 2.03
C PRO B 39 9.10 -8.69 2.88
N GLN B 40 8.24 -8.46 3.85
CA GLN B 40 7.73 -9.53 4.70
C GLN B 40 6.75 -10.36 3.87
N ARG B 41 7.28 -11.42 3.24
CA ARG B 41 6.50 -12.27 2.33
C ARG B 41 5.39 -13.17 2.88
N SER B 42 5.00 -12.98 4.14
CA SER B 42 3.95 -13.79 4.70
C SER B 42 2.58 -13.11 4.56
N THR B 43 2.56 -11.85 4.14
CA THR B 43 1.29 -11.14 3.98
C THR B 43 0.82 -11.17 2.55
N VAL B 44 -0.41 -10.73 2.30
CA VAL B 44 -0.93 -10.73 0.95
C VAL B 44 -0.08 -9.81 0.07
N THR B 45 0.26 -8.61 0.54
CA THR B 45 1.11 -7.70 -0.25
C THR B 45 2.52 -8.31 -0.41
N GLY B 46 2.98 -9.00 0.63
CA GLY B 46 4.28 -9.63 0.59
C GLY B 46 4.39 -10.65 -0.53
N LYS B 47 3.33 -11.43 -0.72
CA LYS B 47 3.33 -12.44 -1.77
C LYS B 47 3.21 -11.85 -3.17
N MET B 48 2.53 -10.71 -3.29
CA MET B 48 2.39 -10.05 -4.59
C MET B 48 3.76 -9.50 -4.95
N ILE B 49 4.48 -9.01 -3.94
CA ILE B 49 5.83 -8.48 -4.14
C ILE B 49 6.73 -9.61 -4.62
N ASP B 50 6.64 -10.78 -3.98
CA ASP B 50 7.47 -11.91 -4.37
C ASP B 50 7.14 -12.32 -5.81
N ASP B 51 5.87 -12.27 -6.18
CA ASP B 51 5.49 -12.66 -7.54
C ASP B 51 6.04 -11.69 -8.54
N TYR B 52 6.20 -10.44 -8.11
CA TYR B 52 6.73 -9.43 -9.01
C TYR B 52 8.23 -9.65 -9.18
N LEU B 53 8.92 -9.86 -8.05
CA LEU B 53 10.35 -10.07 -8.06
C LEU B 53 10.77 -11.31 -8.88
N THR B 54 9.97 -12.37 -8.81
CA THR B 54 10.28 -13.60 -9.53
C THR B 54 9.62 -13.65 -10.90
N ARG B 55 9.07 -12.53 -11.32
CA ARG B 55 8.42 -12.41 -12.63
C ARG B 55 7.14 -13.22 -12.88
N LYS B 56 6.43 -13.58 -11.82
CA LYS B 56 5.18 -14.32 -11.99
C LYS B 56 4.02 -13.37 -12.33
N LYS B 57 4.16 -12.11 -11.93
CA LYS B 57 3.15 -11.08 -12.18
C LYS B 57 3.84 -9.73 -12.38
N THR B 58 3.19 -8.81 -13.09
CA THR B 58 3.73 -7.47 -13.26
C THR B 58 2.76 -6.41 -12.77
N TYR B 59 3.31 -5.25 -12.41
CA TYR B 59 2.53 -4.10 -11.95
C TYR B 59 3.34 -2.88 -12.39
N ASN B 60 2.71 -1.72 -12.47
CA ASN B 60 3.42 -0.49 -12.82
C ASN B 60 4.42 -0.21 -11.70
N ASP B 61 5.46 0.56 -12.01
CA ASP B 61 6.47 0.91 -11.01
C ASP B 61 5.85 1.54 -9.78
N HIS B 62 4.86 2.39 -9.99
CA HIS B 62 4.19 3.05 -8.89
C HIS B 62 3.52 2.06 -7.98
N ILE B 63 2.89 1.05 -8.55
CA ILE B 63 2.26 0.06 -7.71
C ILE B 63 3.29 -0.75 -6.93
N VAL B 64 4.39 -1.16 -7.55
CA VAL B 64 5.35 -1.94 -6.79
C VAL B 64 5.90 -1.08 -5.65
N ASN B 65 6.19 0.19 -5.92
CA ASN B 65 6.71 1.07 -4.87
C ASN B 65 5.75 1.09 -3.70
N LEU B 66 4.48 1.27 -4.01
CA LEU B 66 3.42 1.32 -3.01
C LEU B 66 3.21 0.03 -2.21
N LEU B 67 3.37 -1.13 -2.85
CA LEU B 67 3.19 -2.40 -2.16
C LEU B 67 4.30 -2.54 -1.12
N PHE B 68 5.54 -2.27 -1.53
CA PHE B 68 6.69 -2.35 -0.64
C PHE B 68 6.44 -1.49 0.60
N CYS B 69 6.00 -0.27 0.33
CA CYS B 69 5.74 0.71 1.37
C CYS B 69 4.64 0.26 2.30
N ALA B 70 3.51 -0.15 1.73
CA ALA B 70 2.41 -0.62 2.56
C ALA B 70 2.86 -1.85 3.34
N ASN B 71 3.71 -2.68 2.73
CA ASN B 71 4.21 -3.89 3.36
C ASN B 71 4.91 -3.54 4.68
N ARG B 72 5.68 -2.44 4.69
CA ARG B 72 6.35 -2.05 5.93
C ARG B 72 5.32 -1.50 6.92
N TRP B 73 4.40 -0.68 6.44
CA TRP B 73 3.38 -0.11 7.30
C TRP B 73 2.51 -1.16 8.00
N GLU B 74 2.36 -2.33 7.40
CA GLU B 74 1.58 -3.38 8.03
C GLU B 74 2.24 -3.76 9.36
N PHE B 75 3.55 -3.56 9.44
CA PHE B 75 4.28 -3.91 10.63
C PHE B 75 4.75 -2.75 11.50
N ALA B 76 4.30 -1.53 11.17
CA ALA B 76 4.71 -0.35 11.90
C ALA B 76 4.32 -0.41 13.38
N SER B 77 3.14 -0.96 13.68
CA SER B 77 2.69 -1.08 15.05
C SER B 77 3.45 -2.19 15.75
N PHE B 78 3.63 -3.29 15.04
CA PHE B 78 4.35 -4.43 15.59
C PHE B 78 5.70 -3.93 16.06
N ILE B 79 6.45 -3.32 15.15
CA ILE B 79 7.77 -2.79 15.46
C ILE B 79 7.76 -1.94 16.73
N GLN B 80 6.96 -0.87 16.73
CA GLN B 80 6.90 0.02 17.89
C GLN B 80 6.57 -0.67 19.20
N GLU B 81 5.75 -1.71 19.15
CA GLU B 81 5.35 -2.44 20.35
C GLU B 81 6.50 -3.30 20.87
N GLN B 82 7.31 -3.83 19.95
CA GLN B 82 8.42 -4.68 20.33
C GLN B 82 9.56 -3.87 20.95
N LEU B 83 9.81 -2.71 20.38
CA LEU B 83 10.87 -1.86 20.89
C LEU B 83 10.59 -1.45 22.33
N GLU B 84 9.37 -1.00 22.59
CA GLU B 84 9.01 -0.57 23.93
C GLU B 84 8.93 -1.69 24.95
N GLN B 85 8.70 -2.92 24.50
CA GLN B 85 8.63 -4.05 25.43
C GLN B 85 10.02 -4.59 25.70
N GLY B 86 11.04 -3.83 25.29
CA GLY B 86 12.41 -4.25 25.51
C GLY B 86 13.02 -5.17 24.46
N ILE B 87 12.26 -5.54 23.42
CA ILE B 87 12.81 -6.42 22.39
C ILE B 87 13.52 -5.64 21.29
N THR B 88 14.69 -6.13 20.91
CA THR B 88 15.51 -5.51 19.86
C THR B 88 15.22 -6.14 18.49
N LEU B 89 15.04 -5.29 17.49
CA LEU B 89 14.74 -5.76 16.14
C LEU B 89 15.87 -5.69 15.13
N ILE B 90 16.16 -6.83 14.52
CA ILE B 90 17.17 -6.93 13.49
C ILE B 90 16.30 -6.95 12.23
N VAL B 91 16.35 -5.88 11.46
CA VAL B 91 15.53 -5.76 10.26
C VAL B 91 16.29 -5.79 8.94
N ASP B 92 16.02 -6.80 8.12
CA ASP B 92 16.64 -6.99 6.80
C ASP B 92 15.89 -6.13 5.78
N ARG B 93 16.47 -4.99 5.40
CA ARG B 93 15.88 -4.01 4.49
C ARG B 93 14.76 -3.23 5.15
N TYR B 94 14.69 -1.93 4.85
CA TYR B 94 13.67 -1.08 5.46
C TYR B 94 13.34 0.09 4.55
N ALA B 95 12.92 1.22 5.13
CA ALA B 95 12.55 2.40 4.35
C ALA B 95 13.62 2.84 3.34
N PHE B 96 14.88 2.62 3.68
CA PHE B 96 15.99 3.03 2.81
C PHE B 96 16.00 2.25 1.49
N SER B 97 15.70 0.96 1.54
CA SER B 97 15.58 0.14 0.33
C SER B 97 14.43 0.71 -0.54
N GLY B 98 13.34 1.08 0.13
CA GLY B 98 12.19 1.64 -0.56
C GLY B 98 12.52 2.87 -1.40
N VAL B 99 13.17 3.84 -0.79
CA VAL B 99 13.53 5.07 -1.48
C VAL B 99 14.62 4.85 -2.50
N ALA B 100 15.63 4.06 -2.15
CA ALA B 100 16.74 3.81 -3.06
C ALA B 100 16.32 3.11 -4.35
N TYR B 101 15.49 2.07 -4.24
CA TYR B 101 15.06 1.35 -5.44
C TYR B 101 13.97 2.08 -6.23
N ALA B 102 13.11 2.83 -5.56
CA ALA B 102 12.08 3.59 -6.29
C ALA B 102 12.73 4.71 -7.10
N ALA B 103 13.70 5.37 -6.48
CA ALA B 103 14.39 6.50 -7.11
C ALA B 103 15.25 6.05 -8.29
N ALA B 104 15.91 4.90 -8.16
CA ALA B 104 16.73 4.39 -9.24
C ALA B 104 15.85 4.19 -10.47
N LYS B 105 14.58 3.86 -10.25
CA LYS B 105 13.63 3.66 -11.34
C LYS B 105 13.12 4.99 -11.88
N GLY B 106 13.37 6.07 -11.15
CA GLY B 106 12.92 7.37 -11.61
C GLY B 106 12.00 8.16 -10.70
N ALA B 107 11.65 7.63 -9.52
CA ALA B 107 10.77 8.36 -8.61
C ALA B 107 11.49 9.47 -7.88
N SER B 108 10.74 10.47 -7.45
CA SER B 108 11.30 11.58 -6.70
C SER B 108 11.69 11.03 -5.33
N MET B 109 12.92 11.26 -4.93
CA MET B 109 13.38 10.78 -3.64
C MET B 109 12.56 11.44 -2.53
N THR B 110 12.31 12.74 -2.69
CA THR B 110 11.54 13.48 -1.70
C THR B 110 10.14 12.90 -1.53
N LEU B 111 9.50 12.60 -2.64
CA LEU B 111 8.17 12.02 -2.59
C LEU B 111 8.22 10.62 -1.99
N SER B 112 9.23 9.83 -2.37
CA SER B 112 9.36 8.48 -1.86
C SER B 112 9.49 8.49 -0.34
N LYS B 113 10.30 9.42 0.17
CA LYS B 113 10.50 9.55 1.60
C LYS B 113 9.21 9.91 2.31
N SER B 114 8.35 10.73 1.68
CA SER B 114 7.11 11.12 2.33
C SER B 114 6.16 9.95 2.58
N TYR B 115 6.41 8.82 1.93
CA TYR B 115 5.59 7.62 2.09
C TYR B 115 6.16 6.74 3.20
N GLU B 116 7.42 6.96 3.56
CA GLU B 116 8.05 6.20 4.64
C GLU B 116 7.97 7.03 5.91
N SER B 117 7.61 8.29 5.74
CA SER B 117 7.51 9.26 6.82
C SER B 117 6.58 8.83 7.93
N GLY B 118 7.10 8.66 9.14
CA GLY B 118 6.26 8.28 10.24
C GLY B 118 6.56 6.91 10.82
N LEU B 119 7.26 6.08 10.05
CA LEU B 119 7.60 4.76 10.57
C LEU B 119 8.61 4.91 11.69
N PRO B 120 8.77 3.85 12.50
CA PRO B 120 9.72 3.85 13.60
C PRO B 120 11.10 4.17 13.02
N LYS B 121 11.81 5.12 13.64
CA LYS B 121 13.13 5.52 13.17
C LYS B 121 14.18 4.53 13.65
N PRO B 122 15.02 4.04 12.73
CA PRO B 122 16.07 3.09 13.14
C PRO B 122 17.12 3.77 14.01
N ASP B 123 17.72 3.02 14.91
CA ASP B 123 18.76 3.58 15.79
C ASP B 123 20.14 3.37 15.18
N LEU B 124 20.22 2.47 14.22
CA LEU B 124 21.47 2.18 13.56
C LEU B 124 21.17 1.50 12.24
N VAL B 125 21.84 1.94 11.19
CA VAL B 125 21.66 1.32 9.89
C VAL B 125 23.02 0.83 9.43
N ILE B 126 23.13 -0.47 9.28
CA ILE B 126 24.37 -1.07 8.84
C ILE B 126 24.33 -1.34 7.34
N PHE B 127 25.12 -0.59 6.60
CA PHE B 127 25.18 -0.76 5.15
C PHE B 127 26.33 -1.66 4.76
N LEU B 128 26.00 -2.77 4.11
CA LEU B 128 27.00 -3.73 3.65
C LEU B 128 27.50 -3.41 2.25
N GLU B 129 28.68 -2.80 2.18
CA GLU B 129 29.31 -2.44 0.91
C GLU B 129 29.57 -3.70 0.08
N SER B 130 29.37 -3.60 -1.23
CA SER B 130 29.56 -4.74 -2.13
C SER B 130 30.84 -4.68 -2.97
N GLY B 131 31.58 -5.79 -3.00
CA GLY B 131 32.80 -5.85 -3.80
C GLY B 131 32.48 -6.40 -5.18
N SER B 132 33.50 -6.64 -5.99
CA SER B 132 33.30 -7.16 -7.34
C SER B 132 32.60 -8.52 -7.33
N LYS B 133 32.97 -9.38 -6.39
CA LYS B 133 32.35 -10.69 -6.32
C LYS B 133 30.84 -10.54 -6.09
N GLU B 134 30.46 -9.67 -5.15
CA GLU B 134 29.05 -9.42 -4.85
C GLU B 134 28.33 -8.78 -6.03
N ILE B 135 28.91 -7.74 -6.59
CA ILE B 135 28.35 -7.04 -7.75
C ILE B 135 28.07 -8.01 -8.91
N ASN B 136 29.06 -8.84 -9.22
CA ASN B 136 28.96 -9.77 -10.32
C ASN B 136 27.99 -10.89 -10.09
N ARG B 137 27.55 -11.05 -8.85
CA ARG B 137 26.62 -12.11 -8.55
C ARG B 137 25.19 -11.75 -8.97
N ASN B 138 25.01 -10.53 -9.45
CA ASN B 138 23.71 -10.04 -9.93
C ASN B 138 23.60 -10.43 -11.40
N VAL B 139 22.98 -11.58 -11.65
CA VAL B 139 22.88 -12.08 -13.01
C VAL B 139 21.48 -12.17 -13.61
N GLY B 140 20.53 -11.43 -13.04
CA GLY B 140 19.16 -11.41 -13.55
C GLY B 140 18.17 -12.44 -13.00
N GLU B 141 18.53 -13.16 -11.95
CA GLU B 141 17.62 -14.16 -11.40
C GLU B 141 16.32 -13.54 -10.92
N GLU B 142 16.41 -12.43 -10.18
CA GLU B 142 15.23 -11.72 -9.74
C GLU B 142 15.25 -10.43 -10.53
N ILE B 143 14.09 -9.82 -10.72
CA ILE B 143 13.94 -8.62 -11.54
C ILE B 143 14.88 -7.40 -11.36
N TYR B 144 15.52 -7.25 -10.22
CA TYR B 144 16.40 -6.09 -10.04
C TYR B 144 17.89 -6.38 -10.07
N GLU B 145 18.25 -7.66 -10.11
CA GLU B 145 19.66 -8.06 -10.11
C GLU B 145 20.31 -7.82 -11.47
N ASP B 146 20.43 -6.56 -11.80
CA ASP B 146 21.03 -6.10 -13.06
C ASP B 146 22.15 -5.17 -12.60
N VAL B 147 23.36 -5.46 -13.05
CA VAL B 147 24.53 -4.68 -12.67
C VAL B 147 24.36 -3.16 -12.85
N THR B 148 24.02 -2.76 -14.06
CA THR B 148 23.85 -1.34 -14.32
C THR B 148 22.69 -0.67 -13.56
N PHE B 149 21.65 -1.43 -13.24
CA PHE B 149 20.54 -0.89 -12.47
C PHE B 149 21.01 -0.74 -11.01
N GLN B 150 21.74 -1.76 -10.53
CA GLN B 150 22.25 -1.79 -9.16
C GLN B 150 23.11 -0.56 -8.94
N GLN B 151 23.88 -0.18 -9.96
CA GLN B 151 24.72 1.00 -9.82
C GLN B 151 23.93 2.26 -9.50
N LYS B 152 22.75 2.44 -10.12
CA LYS B 152 21.96 3.63 -9.82
C LYS B 152 21.28 3.50 -8.46
N VAL B 153 21.05 2.28 -8.01
CA VAL B 153 20.45 2.10 -6.69
C VAL B 153 21.49 2.56 -5.65
N LEU B 154 22.76 2.31 -5.95
CA LEU B 154 23.88 2.67 -5.08
C LEU B 154 24.03 4.18 -4.99
N GLN B 155 23.69 4.88 -6.08
CA GLN B 155 23.77 6.33 -6.09
C GLN B 155 22.74 6.89 -5.12
N GLU B 156 21.56 6.26 -5.10
CA GLU B 156 20.48 6.69 -4.21
C GLU B 156 20.87 6.41 -2.77
N TYR B 157 21.50 5.27 -2.55
CA TYR B 157 21.95 4.91 -1.21
C TYR B 157 22.91 5.99 -0.71
N LYS B 158 23.91 6.34 -1.52
CA LYS B 158 24.88 7.36 -1.13
C LYS B 158 24.20 8.68 -0.83
N LYS B 159 23.29 9.10 -1.71
CA LYS B 159 22.55 10.33 -1.48
C LYS B 159 21.97 10.34 -0.07
N MET B 160 21.35 9.24 0.36
CA MET B 160 20.80 9.21 1.71
C MET B 160 21.87 9.20 2.79
N ILE B 161 22.95 8.46 2.57
CA ILE B 161 24.03 8.41 3.56
C ILE B 161 24.48 9.86 3.90
N GLU B 162 24.55 10.71 2.88
CA GLU B 162 24.96 12.11 3.02
C GLU B 162 24.14 12.88 4.05
N GLU B 163 22.82 12.92 3.87
CA GLU B 163 21.96 13.59 4.82
C GLU B 163 22.39 13.07 6.19
N GLY B 164 22.89 13.96 7.04
CA GLY B 164 23.35 13.52 8.35
C GLY B 164 22.24 13.14 9.30
N ASP B 165 21.06 12.79 8.76
CA ASP B 165 19.92 12.45 9.59
C ASP B 165 20.14 11.27 10.49
N ILE B 166 19.96 10.08 9.93
CA ILE B 166 20.09 8.87 10.71
C ILE B 166 21.54 8.38 10.84
N HIS B 167 21.77 7.52 11.81
CA HIS B 167 23.07 6.95 12.14
C HIS B 167 23.47 5.74 11.27
N TRP B 168 24.31 6.00 10.27
CA TRP B 168 24.78 4.95 9.36
C TRP B 168 26.17 4.42 9.72
N GLN B 169 26.43 3.18 9.32
CA GLN B 169 27.73 2.51 9.48
C GLN B 169 27.98 1.66 8.22
N ILE B 170 28.99 2.00 7.43
CA ILE B 170 29.31 1.22 6.25
C ILE B 170 30.33 0.15 6.62
N ILE B 171 30.06 -1.11 6.25
CA ILE B 171 30.96 -2.23 6.54
C ILE B 171 31.73 -2.61 5.28
N SER B 172 33.02 -2.34 5.27
CA SER B 172 33.89 -2.62 4.13
C SER B 172 33.73 -4.02 3.53
N SER B 173 33.81 -4.10 2.22
CA SER B 173 33.72 -5.38 1.53
C SER B 173 35.10 -6.04 1.50
N GLU B 174 36.09 -5.39 2.11
CA GLU B 174 37.47 -5.90 2.15
C GLU B 174 37.72 -6.79 3.37
N PHE B 175 36.80 -6.75 4.34
CA PHE B 175 36.93 -7.58 5.54
C PHE B 175 36.56 -9.01 5.18
N GLU B 176 37.21 -9.98 5.81
CA GLU B 176 36.85 -11.39 5.55
C GLU B 176 35.71 -11.79 6.50
N GLU B 177 35.01 -12.87 6.14
CA GLU B 177 33.85 -13.33 6.89
C GLU B 177 33.92 -13.31 8.42
N ASP B 178 34.98 -13.85 8.99
CA ASP B 178 35.06 -13.88 10.45
C ASP B 178 35.24 -12.52 11.11
N VAL B 179 36.08 -11.67 10.54
CA VAL B 179 36.32 -10.33 11.11
C VAL B 179 35.09 -9.45 10.89
N LYS B 180 34.42 -9.66 9.76
CA LYS B 180 33.22 -8.91 9.39
C LYS B 180 32.08 -9.29 10.35
N LYS B 181 31.91 -10.59 10.53
CA LYS B 181 30.89 -11.13 11.42
C LYS B 181 31.10 -10.60 12.85
N GLU B 182 32.35 -10.58 13.28
CA GLU B 182 32.71 -10.13 14.61
C GLU B 182 32.49 -8.62 14.79
N LEU B 183 32.88 -7.85 13.78
CA LEU B 183 32.76 -6.39 13.80
C LEU B 183 31.31 -5.95 13.95
N ILE B 184 30.44 -6.49 13.10
CA ILE B 184 29.01 -6.18 13.13
C ILE B 184 28.42 -6.65 14.45
N LYS B 185 28.82 -7.83 14.88
CA LYS B 185 28.35 -8.38 16.14
C LYS B 185 28.61 -7.35 17.24
N ASN B 186 29.76 -6.69 17.15
CA ASN B 186 30.15 -5.68 18.14
C ASN B 186 29.42 -4.35 18.08
N ILE B 187 29.36 -3.74 16.89
CA ILE B 187 28.66 -2.46 16.79
C ILE B 187 27.20 -2.68 17.16
N VAL B 188 26.68 -3.88 16.88
CA VAL B 188 25.30 -4.22 17.22
C VAL B 188 25.11 -4.33 18.72
N ILE B 189 25.99 -5.10 19.37
CA ILE B 189 25.92 -5.26 20.82
C ILE B 189 26.08 -3.88 21.47
N GLU B 190 27.01 -3.09 20.95
CA GLU B 190 27.24 -1.74 21.44
C GLU B 190 25.98 -0.89 21.25
N ALA B 191 25.29 -1.07 20.13
CA ALA B 191 24.07 -0.29 19.85
C ALA B 191 22.93 -0.62 20.80
N ILE B 192 22.78 -1.90 21.11
CA ILE B 192 21.73 -2.38 21.99
C ILE B 192 21.86 -1.78 23.39
N HIS B 193 23.09 -1.48 23.78
CA HIS B 193 23.33 -0.96 25.13
C HIS B 193 23.57 0.53 25.29
N THR B 194 23.14 1.33 24.33
CA THR B 194 23.30 2.78 24.44
C THR B 194 22.02 3.48 23.99
N VAL B 195 21.00 2.67 23.73
CA VAL B 195 19.70 3.17 23.29
C VAL B 195 18.97 3.93 24.41
N THR B 196 18.54 5.14 24.10
CA THR B 196 17.84 5.96 25.07
C THR B 196 16.76 6.82 24.43
N GLY B 197 15.84 7.27 25.27
CA GLY B 197 14.76 8.10 24.81
C GLY B 197 13.68 7.26 24.17
N PRO B 198 12.59 7.89 23.69
CA PRO B 198 11.51 7.13 23.05
C PRO B 198 11.89 6.73 21.63
N VAL B 199 11.04 5.93 21.00
CA VAL B 199 11.25 5.51 19.63
C VAL B 199 10.95 6.72 18.77
N GLY B 200 11.88 7.09 17.89
CA GLY B 200 11.65 8.25 17.05
C GLY B 200 10.77 7.97 15.84
N GLN B 201 10.60 9.01 15.01
CA GLN B 201 9.80 8.89 13.80
C GLN B 201 10.69 9.25 12.62
N LEU B 202 10.75 8.34 11.64
CA LEU B 202 11.56 8.53 10.46
C LEU B 202 11.06 9.69 9.61
N TRP B 203 11.99 10.50 9.15
CA TRP B 203 11.70 11.65 8.29
C TRP B 203 10.38 12.32 8.62
N MET B 204 10.24 12.70 9.88
CA MET B 204 9.02 13.37 10.33
C MET B 204 9.23 14.86 10.16
PA TYD C . -16.98 3.63 3.30
O1A TYD C . -16.42 2.42 3.92
O2A TYD C . -17.62 3.51 1.97
O3A TYD C . -18.04 4.26 4.35
PB TYD C . -19.15 5.33 3.91
O1B TYD C . -20.52 4.80 4.06
O2B TYD C . -18.87 6.64 4.81
O3B TYD C . -18.82 5.77 2.39
O5' TYD C . -15.85 4.78 3.24
C5' TYD C . -15.37 5.34 4.46
C4' TYD C . -14.55 6.62 4.22
O4' TYD C . -13.38 6.27 3.46
C3' TYD C . -15.34 7.62 3.38
O3' TYD C . -15.07 8.95 3.84
C2' TYD C . -14.75 7.39 1.99
C1' TYD C . -13.28 7.22 2.38
N1 TYD C . -12.45 6.63 1.31
C2 TYD C . -11.30 7.28 0.84
O2 TYD C . -10.96 8.36 1.31
N3 TYD C . -10.50 6.66 -0.13
C4 TYD C . -10.86 5.40 -0.63
O4 TYD C . -10.13 4.84 -1.46
C5 TYD C . -12.01 4.77 -0.17
C5M TYD C . -12.41 3.40 -0.72
C6 TYD C . -12.80 5.38 0.79
MG MG D . 18.00 -10.24 -4.43
P1 POP E . 21.67 -10.54 0.25
P1 POP E . 21.66 -10.53 0.23
O1 POP E . 22.20 -9.04 0.44
O1 POP E . 22.90 -11.52 0.45
O2 POP E . 20.62 -10.87 1.25
O2 POP E . 22.21 -9.04 0.48
O3 POP E . 21.17 -10.68 -1.26
O3 POP E . 20.54 -10.86 1.14
O POP E . 22.96 -11.49 0.41
O POP E . 21.27 -10.66 -1.32
P2 POP E . 19.80 -11.10 -1.76
O4 POP E . 19.80 -11.07 -3.37
O5 POP E . 18.76 -9.99 -1.24
O6 POP E . 19.51 -12.45 -1.23
PA TYD F . 15.18 -9.20 -0.13
PA TYD F . 15.17 -9.36 -0.23
O1A TYD F . 13.93 -9.99 0.07
O1A TYD F . 16.54 -9.95 -0.81
O2A TYD F . 15.78 -8.53 1.05
O2A TYD F . 14.15 -10.43 -0.30
O3A TYD F . 16.27 -10.21 -0.75
O3A TYD F . 15.44 -8.74 1.09
PB TYD F . 17.73 -9.68 -1.19
O1B TYD F . 18.03 -8.34 -0.36
O2B TYD F . 17.57 -9.22 -2.72
O3B TYD F . 18.77 -10.71 -1.01
O5' TYD F . 14.95 -8.12 -1.30
O5' TYD F . 14.80 -8.20 -1.29
C5' TYD F . 14.40 -8.51 -2.57
C5' TYD F . 14.36 -8.55 -2.60
C4' TYD F . 14.27 -7.32 -3.52
C4' TYD F . 14.25 -7.31 -3.50
O4' TYD F . 13.32 -6.37 -3.02
O4' TYD F . 13.32 -6.37 -2.96
C3' TYD F . 15.60 -6.58 -3.67
C3' TYD F . 15.59 -6.58 -3.59
O3' TYD F . 15.83 -6.29 -5.06
O3' TYD F . 15.91 -6.34 -4.97
C2' TYD F . 15.33 -5.29 -2.89
C2' TYD F . 15.30 -5.26 -2.88
C1' TYD F . 13.87 -5.07 -3.31
C1' TYD F . 13.84 -5.07 -3.30
N1 TYD F . 13.22 -4.02 -2.50
N1 TYD F . 13.18 -4.02 -2.50
C2 TYD F . 12.70 -2.86 -3.11
C2 TYD F . 12.68 -2.86 -3.10
O2 TYD F . 12.84 -2.68 -4.31
O2 TYD F . 12.82 -2.68 -4.31
N3 TYD F . 12.01 -1.92 -2.33
N3 TYD F . 12.02 -1.90 -2.32
C4 TYD F . 11.86 -2.13 -0.95
C4 TYD F . 11.86 -2.11 -0.94
O4 TYD F . 11.21 -1.32 -0.28
O4 TYD F . 11.25 -1.27 -0.26
C5 TYD F . 12.38 -3.26 -0.35
C5 TYD F . 12.36 -3.25 -0.34
C5M TYD F . 12.22 -3.48 1.15
C5M TYD F . 12.21 -3.46 1.16
C6 TYD F . 13.06 -4.20 -1.12
C6 TYD F . 13.01 -4.21 -1.11
#